data_5G6O
#
_entry.id   5G6O
#
_cell.length_a   80.747
_cell.length_b   94.820
_cell.length_c   62.183
_cell.angle_alpha   90.00
_cell.angle_beta   90.00
_cell.angle_gamma   90.00
#
_symmetry.space_group_name_H-M   'P 21 21 2'
#
loop_
_entity.id
_entity.type
_entity.pdbx_description
1 polymer 'NITRIC OXIDE SYNTHASE OXYGENASE'
2 non-polymer 'PROTOPORPHYRIN IX CONTAINING FE'
3 non-polymer 'CHLORIDE ION'
4 non-polymer 7-[[4-[(dimethylamino)methyl]phenoxy]methyl]quinolin-2-amine
5 non-polymer GLYCEROL
6 water water
#
_entity_poly.entity_id   1
_entity_poly.type   'polypeptide(L)'
_entity_poly.pdbx_seq_one_letter_code
;MEEKEILWNEAKAFIAACYQELGKAAEVKDRLADIKSEIDLTGSYVHTKEELEHGAKMAWRNSNRCIGRLFWNSLNVIDR
RDVRTKEEVRDALFHHIETATNNGKIRPTITIFPPEEKGEKQVEIWNHQLIRYAGYESDGERIGDPASCSLTAACEELGW
RGERTDFDLLPLIFRMKGDEQPVWYELPRSLVIEVPITHPDIEAFSDLELKWYGVPIISDMKLEVGGIHYNAAPFNGWYM
GTEIGARNLADEKRYDKLKKVASVIGIAADYNTDLWKDQALVELNKAVLHSYKKQGVSIVDHHTAASQFKRFEEQAEEAG
RKLTGDWTWLIPPISPAATHIFHRSYDNSIVKPNYFYQDKPYE
;
_entity_poly.pdbx_strand_id   A
#
loop_
_chem_comp.id
_chem_comp.type
_chem_comp.name
_chem_comp.formula
8VJ non-polymer 7-[[4-[(dimethylamino)methyl]phenoxy]methyl]quinolin-2-amine 'C19 H21 N3 O'
CL non-polymer 'CHLORIDE ION' 'Cl -1'
GOL non-polymer GLYCEROL 'C3 H8 O3'
HEM non-polymer 'PROTOPORPHYRIN IX CONTAINING FE' 'C34 H32 Fe N4 O4'
#
# COMPACT_ATOMS: atom_id res chain seq x y z
N GLU A 2 24.63 12.13 -18.97
CA GLU A 2 23.54 11.29 -19.46
C GLU A 2 22.65 10.83 -18.32
N GLU A 3 23.21 10.02 -17.44
CA GLU A 3 22.48 9.59 -16.26
C GLU A 3 22.50 10.75 -15.29
N LYS A 4 23.67 11.38 -15.20
CA LYS A 4 23.86 12.58 -14.41
C LYS A 4 22.92 13.66 -14.92
N GLU A 5 22.68 13.66 -16.22
CA GLU A 5 21.84 14.66 -16.82
C GLU A 5 20.40 14.58 -16.35
N ILE A 6 19.79 13.42 -16.53
CA ILE A 6 18.42 13.17 -16.12
C ILE A 6 18.25 13.49 -14.64
N LEU A 7 19.22 13.00 -13.85
CA LEU A 7 19.23 13.17 -12.40
C LEU A 7 19.21 14.64 -12.00
N TRP A 8 20.11 15.43 -12.58
CA TRP A 8 20.23 16.85 -12.26
C TRP A 8 18.96 17.61 -12.62
N ASN A 9 18.31 17.17 -13.68
CA ASN A 9 17.10 17.85 -14.15
C ASN A 9 15.97 17.58 -13.21
N GLU A 10 15.85 16.32 -12.80
CA GLU A 10 14.81 15.92 -11.88
C GLU A 10 15.06 16.63 -10.55
N ALA A 11 16.33 16.76 -10.21
CA ALA A 11 16.75 17.38 -8.94
C ALA A 11 16.36 18.86 -8.86
N LYS A 12 16.71 19.62 -9.90
CA LYS A 12 16.40 21.04 -9.97
C LYS A 12 14.90 21.28 -9.80
N ALA A 13 14.09 20.46 -10.47
CA ALA A 13 12.64 20.61 -10.43
C ALA A 13 12.09 20.23 -9.06
N PHE A 14 12.63 19.16 -8.48
CA PHE A 14 12.14 18.71 -7.18
C PHE A 14 12.53 19.72 -6.10
N ILE A 15 13.80 20.11 -6.05
CA ILE A 15 14.25 21.01 -5.00
C ILE A 15 13.52 22.37 -5.05
N ALA A 16 13.42 22.94 -6.24
CA ALA A 16 12.64 24.17 -6.43
C ALA A 16 11.22 24.06 -5.85
N ALA A 17 10.50 23.01 -6.22
CA ALA A 17 9.11 22.83 -5.75
C ALA A 17 9.03 22.53 -4.26
N CYS A 18 9.93 21.68 -3.78
CA CYS A 18 9.91 21.27 -2.39
C CYS A 18 10.20 22.48 -1.46
N TYR A 19 11.28 23.18 -1.75
CA TYR A 19 11.70 24.33 -0.96
C TYR A 19 10.68 25.46 -1.02
N GLN A 20 9.98 25.57 -2.14
CA GLN A 20 8.93 26.58 -2.27
C GLN A 20 7.78 26.28 -1.30
N GLU A 21 7.39 25.01 -1.25
CA GLU A 21 6.30 24.55 -0.39
C GLU A 21 6.72 24.66 1.07
N LEU A 22 8.02 24.57 1.32
CA LEU A 22 8.52 24.58 2.69
C LEU A 22 8.84 26.00 3.16
N GLY A 23 8.60 26.99 2.30
CA GLY A 23 9.00 28.36 2.62
C GLY A 23 10.51 28.60 2.71
N LYS A 24 11.30 27.75 2.04
CA LYS A 24 12.78 27.84 2.07
C LYS A 24 13.36 28.25 0.70
N ALA A 25 12.57 29.01 -0.06
CA ALA A 25 12.90 29.32 -1.45
C ALA A 25 14.26 30.02 -1.66
N ALA A 26 14.73 30.74 -0.65
CA ALA A 26 16.01 31.46 -0.78
C ALA A 26 17.20 30.48 -0.75
N GLU A 27 16.96 29.33 -0.17
CA GLU A 27 18.00 28.34 0.05
C GLU A 27 18.27 27.47 -1.17
N VAL A 28 17.49 27.69 -2.21
CA VAL A 28 17.50 26.78 -3.35
C VAL A 28 18.83 26.87 -4.11
N LYS A 29 19.28 28.10 -4.37
CA LYS A 29 20.45 28.29 -5.22
C LYS A 29 21.65 27.55 -4.67
N ASP A 30 21.91 27.76 -3.38
CA ASP A 30 23.01 27.09 -2.72
C ASP A 30 22.84 25.57 -2.65
N ARG A 31 21.63 25.12 -2.32
CA ARG A 31 21.37 23.68 -2.29
C ARG A 31 21.58 23.02 -3.69
N LEU A 32 21.13 23.68 -4.75
CA LEU A 32 21.37 23.18 -6.11
C LEU A 32 22.86 23.19 -6.48
N ALA A 33 23.61 24.15 -5.93
CA ALA A 33 25.04 24.22 -6.21
C ALA A 33 25.69 22.98 -5.64
N ASP A 34 25.42 22.76 -4.35
CA ASP A 34 25.90 21.59 -3.61
C ASP A 34 25.56 20.29 -4.33
N ILE A 35 24.29 20.17 -4.76
CA ILE A 35 23.82 18.98 -5.47
C ILE A 35 24.58 18.81 -6.78
N LYS A 36 24.78 19.92 -7.49
CA LYS A 36 25.47 19.89 -8.78
C LYS A 36 26.85 19.27 -8.63
N SER A 37 27.61 19.75 -7.65
CA SER A 37 28.97 19.27 -7.41
C SER A 37 28.95 17.84 -6.90
N GLU A 38 27.93 17.49 -6.13
CA GLU A 38 27.82 16.15 -5.59
C GLU A 38 27.58 15.15 -6.71
N ILE A 39 26.76 15.52 -7.68
CA ILE A 39 26.47 14.64 -8.82
C ILE A 39 27.72 14.41 -9.68
N ASP A 40 28.45 15.49 -9.92
CA ASP A 40 29.68 15.44 -10.72
C ASP A 40 30.67 14.48 -10.09
N LEU A 41 31.00 14.75 -8.84
CA LEU A 41 31.96 13.94 -8.12
C LEU A 41 31.49 12.50 -7.90
N THR A 42 30.20 12.30 -7.62
CA THR A 42 29.75 11.02 -7.08
C THR A 42 28.81 10.19 -7.96
N GLY A 43 28.19 10.83 -8.94
CA GLY A 43 27.15 10.15 -9.72
C GLY A 43 25.74 10.31 -9.18
N SER A 44 25.60 10.68 -7.92
CA SER A 44 24.28 11.06 -7.43
C SER A 44 24.35 12.01 -6.26
N TYR A 45 23.24 12.16 -5.55
CA TYR A 45 23.19 13.08 -4.43
C TYR A 45 22.37 12.49 -3.29
N VAL A 46 22.48 13.07 -2.10
CA VAL A 46 21.78 12.51 -0.96
C VAL A 46 20.75 13.53 -0.46
N HIS A 47 19.49 13.13 -0.31
CA HIS A 47 18.45 14.02 0.21
C HIS A 47 18.67 14.34 1.69
N THR A 48 18.42 15.59 2.08
CA THR A 48 18.34 15.94 3.52
C THR A 48 17.13 15.23 4.13
N LYS A 49 17.05 15.15 5.46
CA LYS A 49 15.89 14.49 6.07
C LYS A 49 14.60 15.22 5.71
N GLU A 50 14.69 16.54 5.65
CA GLU A 50 13.54 17.36 5.30
C GLU A 50 13.04 17.11 3.85
N GLU A 51 13.98 16.96 2.92
CA GLU A 51 13.64 16.74 1.51
C GLU A 51 12.99 15.37 1.36
N LEU A 52 13.55 14.37 2.04
CA LEU A 52 13.05 13.02 1.87
C LEU A 52 11.64 12.94 2.48
N GLU A 53 11.46 13.53 3.65
CA GLU A 53 10.14 13.55 4.27
C GLU A 53 9.12 14.26 3.38
N HIS A 54 9.44 15.48 2.99
CA HIS A 54 8.49 16.17 2.14
C HIS A 54 8.26 15.47 0.80
N GLY A 55 9.33 14.90 0.23
CA GLY A 55 9.18 14.13 -1.01
C GLY A 55 8.27 12.92 -0.94
N ALA A 56 8.29 12.19 0.16
CA ALA A 56 7.40 11.05 0.30
C ALA A 56 5.94 11.50 0.44
N LYS A 57 5.78 12.63 1.11
CA LYS A 57 4.45 13.20 1.29
C LYS A 57 3.93 13.73 -0.07
N MET A 58 4.78 14.40 -0.84
CA MET A 58 4.35 14.81 -2.18
C MET A 58 4.02 13.64 -3.10
N ALA A 59 4.77 12.54 -2.96
CA ALA A 59 4.47 11.35 -3.75
C ALA A 59 3.07 10.81 -3.45
N TRP A 60 2.70 10.80 -2.18
CA TRP A 60 1.37 10.33 -1.84
C TRP A 60 0.34 11.34 -2.44
N ARG A 61 0.63 12.62 -2.26
CA ARG A 61 -0.26 13.66 -2.78
C ARG A 61 -0.46 13.55 -4.26
N ASN A 62 0.52 13.00 -4.97
CA ASN A 62 0.41 12.91 -6.43
C ASN A 62 -0.08 11.53 -6.91
N SER A 63 -0.46 10.65 -5.98
CA SER A 63 -0.90 9.31 -6.38
C SER A 63 -2.35 9.31 -6.89
N ASN A 64 -2.46 9.42 -8.20
CA ASN A 64 -3.74 9.56 -8.93
C ASN A 64 -4.78 8.55 -8.52
N ARG A 65 -4.36 7.35 -8.10
CA ARG A 65 -5.32 6.27 -7.90
C ARG A 65 -5.79 6.20 -6.46
N CYS A 66 -5.25 7.07 -5.60
CA CYS A 66 -5.57 7.01 -4.17
C CYS A 66 -6.64 7.99 -3.70
N ILE A 67 -7.68 7.43 -3.06
CA ILE A 67 -8.81 8.23 -2.60
C ILE A 67 -8.49 8.80 -1.21
N GLY A 68 -7.39 8.32 -0.62
CA GLY A 68 -7.10 8.65 0.77
C GLY A 68 -6.18 9.86 0.96
N ARG A 69 -5.96 10.61 -0.12
CA ARG A 69 -4.91 11.64 -0.13
C ARG A 69 -5.14 12.88 0.72
N LEU A 70 -6.33 13.05 1.30
CA LEU A 70 -6.55 14.26 2.13
C LEU A 70 -5.44 14.38 3.21
N PHE A 71 -5.02 13.21 3.71
CA PHE A 71 -4.12 13.16 4.86
C PHE A 71 -2.63 13.12 4.46
N TRP A 72 -2.32 13.39 3.21
CA TRP A 72 -0.93 13.35 2.71
C TRP A 72 0.11 14.03 3.63
N ASN A 73 -0.23 15.17 4.22
CA ASN A 73 0.77 15.92 4.97
C ASN A 73 1.07 15.35 6.36
N SER A 74 0.29 14.37 6.79
CA SER A 74 0.56 13.79 8.11
C SER A 74 1.25 12.43 8.03
N LEU A 75 1.71 12.04 6.84
CA LEU A 75 2.50 10.80 6.68
C LEU A 75 3.70 10.79 7.65
N ASN A 76 3.86 9.69 8.37
CA ASN A 76 4.98 9.47 9.30
C ASN A 76 6.13 8.85 8.52
N VAL A 77 7.21 9.58 8.31
CA VAL A 77 8.30 9.11 7.45
C VAL A 77 9.45 8.60 8.30
N ILE A 78 9.79 7.31 8.18
CA ILE A 78 10.92 6.77 8.94
C ILE A 78 12.11 6.60 8.01
N ASP A 79 13.22 7.28 8.30
CA ASP A 79 14.38 7.27 7.43
C ASP A 79 15.35 6.12 7.79
N ARG A 80 15.30 5.04 7.01
CA ARG A 80 16.24 3.91 7.26
C ARG A 80 17.31 3.72 6.17
N ARG A 81 17.82 4.85 5.69
CA ARG A 81 18.88 4.86 4.70
C ARG A 81 20.20 4.35 5.23
N ASP A 82 20.26 4.17 6.55
CA ASP A 82 21.44 3.73 7.26
C ASP A 82 21.58 2.19 7.34
N VAL A 83 20.55 1.42 6.98
CA VAL A 83 20.72 -0.03 7.14
C VAL A 83 21.69 -0.62 6.14
N ARG A 84 22.40 -1.64 6.58
CA ARG A 84 23.41 -2.29 5.77
C ARG A 84 23.36 -3.81 5.85
N THR A 85 22.60 -4.35 6.80
CA THR A 85 22.55 -5.80 7.05
C THR A 85 21.13 -6.35 6.99
N LYS A 86 21.02 -7.65 6.73
CA LYS A 86 19.68 -8.22 6.60
C LYS A 86 18.95 -8.25 7.96
N GLU A 87 19.71 -8.38 9.06
CA GLU A 87 19.11 -8.26 10.38
C GLU A 87 18.56 -6.85 10.66
N GLU A 88 19.27 -5.79 10.23
CA GLU A 88 18.73 -4.42 10.33
C GLU A 88 17.47 -4.20 9.48
N VAL A 89 17.45 -4.77 8.27
CA VAL A 89 16.30 -4.63 7.40
C VAL A 89 15.11 -5.32 8.05
N ARG A 90 15.35 -6.54 8.57
CA ARG A 90 14.28 -7.32 9.17
C ARG A 90 13.70 -6.58 10.37
N ASP A 91 14.58 -6.03 11.19
CA ASP A 91 14.12 -5.31 12.36
C ASP A 91 13.37 -4.01 12.00
N ALA A 92 13.82 -3.32 10.96
CA ALA A 92 13.09 -2.12 10.46
C ALA A 92 11.69 -2.46 9.95
N LEU A 93 11.58 -3.62 9.33
CA LEU A 93 10.32 -4.05 8.81
C LEU A 93 9.36 -4.45 9.95
N PHE A 94 9.88 -5.20 10.90
CA PHE A 94 9.16 -5.49 12.13
C PHE A 94 8.72 -4.19 12.81
N HIS A 95 9.63 -3.21 12.93
CA HIS A 95 9.30 -1.94 13.58
C HIS A 95 8.18 -1.18 12.85
N HIS A 96 8.27 -1.19 11.52
CA HIS A 96 7.23 -0.54 10.75
C HIS A 96 5.89 -1.14 11.09
N ILE A 97 5.82 -2.46 11.07
CA ILE A 97 4.54 -3.07 11.41
C ILE A 97 4.01 -2.65 12.79
N GLU A 98 4.89 -2.65 13.82
CA GLU A 98 4.47 -2.30 15.17
C GLU A 98 4.00 -0.85 15.22
N THR A 99 4.78 0.05 14.61
CA THR A 99 4.52 1.48 14.78
C THR A 99 3.36 1.93 13.89
N ALA A 100 3.20 1.29 12.74
CA ALA A 100 2.08 1.62 11.86
C ALA A 100 0.79 1.11 12.50
N THR A 101 0.86 -0.09 13.10
CA THR A 101 -0.34 -0.71 13.71
C THR A 101 -0.83 0.12 14.90
N ASN A 102 0.11 0.49 15.77
CA ASN A 102 -0.17 1.38 16.87
C ASN A 102 -1.36 0.89 17.69
N ASN A 103 -1.33 -0.39 18.06
CA ASN A 103 -2.43 -1.01 18.83
C ASN A 103 -3.83 -0.89 18.18
N GLY A 104 -3.85 -0.65 16.87
CA GLY A 104 -5.10 -0.57 16.12
C GLY A 104 -5.42 0.85 15.65
N LYS A 105 -4.84 1.87 16.30
CA LYS A 105 -5.09 3.24 15.85
C LYS A 105 -4.05 3.56 14.80
N ILE A 106 -4.30 3.10 13.57
CA ILE A 106 -3.26 2.96 12.53
C ILE A 106 -2.64 4.30 12.13
N ARG A 107 -1.32 4.34 12.02
CA ARG A 107 -0.59 5.55 11.63
C ARG A 107 -0.08 5.35 10.25
N PRO A 108 -0.51 6.19 9.28
CA PRO A 108 0.10 6.09 7.94
C PRO A 108 1.58 6.36 8.02
N THR A 109 2.39 5.45 7.51
CA THR A 109 3.82 5.43 7.78
C THR A 109 4.56 4.93 6.52
N ILE A 110 5.78 5.40 6.29
CA ILE A 110 6.57 4.82 5.22
C ILE A 110 7.95 4.64 5.81
N THR A 111 8.60 3.52 5.51
CA THR A 111 9.96 3.34 5.98
C THR A 111 10.81 3.35 4.72
N ILE A 112 11.86 4.16 4.70
CA ILE A 112 12.58 4.34 3.44
C ILE A 112 13.97 3.73 3.54
N PHE A 113 14.28 2.78 2.65
CA PHE A 113 15.57 2.07 2.77
C PHE A 113 16.54 2.73 1.79
N PRO A 114 17.84 2.33 1.78
CA PRO A 114 18.81 3.00 0.89
C PRO A 114 18.36 2.90 -0.56
N PRO A 115 18.53 3.96 -1.38
CA PRO A 115 18.01 3.97 -2.76
C PRO A 115 18.93 3.14 -3.67
N GLU A 116 18.48 2.84 -4.91
CA GLU A 116 19.32 2.20 -5.94
C GLU A 116 20.48 3.13 -6.19
N GLU A 117 21.67 2.60 -6.41
CA GLU A 117 22.79 3.52 -6.61
C GLU A 117 23.01 3.78 -8.10
N LYS A 118 23.38 2.75 -8.86
CA LYS A 118 23.36 2.89 -10.31
C LYS A 118 22.35 1.94 -10.94
N GLY A 119 21.09 2.02 -10.50
CA GLY A 119 20.08 1.05 -10.90
C GLY A 119 20.31 -0.26 -10.17
N GLU A 120 21.40 -0.33 -9.40
CA GLU A 120 21.68 -1.46 -8.51
C GLU A 120 20.93 -1.32 -7.18
N LYS A 121 20.01 -2.25 -6.92
CA LYS A 121 19.25 -2.23 -5.68
C LYS A 121 20.14 -2.58 -4.49
N GLN A 122 19.89 -1.94 -3.35
CA GLN A 122 20.68 -2.26 -2.15
C GLN A 122 19.89 -3.30 -1.38
N VAL A 123 18.57 -3.17 -1.44
CA VAL A 123 17.67 -4.10 -0.78
C VAL A 123 16.51 -4.31 -1.74
N GLU A 124 16.05 -5.54 -1.87
CA GLU A 124 14.98 -5.82 -2.82
C GLU A 124 13.93 -6.62 -2.07
N ILE A 125 12.78 -5.99 -1.78
CA ILE A 125 11.73 -6.68 -1.02
C ILE A 125 10.83 -7.52 -1.95
N TRP A 126 10.66 -8.82 -1.66
CA TRP A 126 9.84 -9.67 -2.51
C TRP A 126 8.33 -9.62 -2.20
N ASN A 127 7.96 -9.34 -0.94
CA ASN A 127 6.53 -9.26 -0.59
C ASN A 127 5.75 -8.19 -1.37
N HIS A 128 4.47 -8.46 -1.68
CA HIS A 128 3.62 -7.39 -2.24
C HIS A 128 3.16 -6.49 -1.08
N GLN A 129 2.73 -7.11 0.01
CA GLN A 129 2.52 -6.38 1.25
C GLN A 129 3.31 -7.09 2.36
N LEU A 130 3.70 -6.35 3.41
CA LEU A 130 4.44 -7.03 4.48
C LEU A 130 3.62 -8.12 5.17
N ILE A 131 2.31 -7.88 5.32
CA ILE A 131 1.41 -8.86 5.90
C ILE A 131 0.47 -9.30 4.79
N ARG A 132 0.48 -10.59 4.43
CA ARG A 132 -0.38 -11.04 3.33
C ARG A 132 -0.52 -12.58 3.53
N TYR A 133 -1.62 -13.18 3.05
CA TYR A 133 -1.84 -14.61 3.20
C TYR A 133 -1.30 -15.38 1.99
N ALA A 134 -0.80 -16.59 2.26
CA ALA A 134 -0.28 -17.52 1.27
C ALA A 134 -1.45 -18.07 0.44
N GLY A 135 -1.15 -18.58 -0.75
CA GLY A 135 -2.16 -19.26 -1.53
C GLY A 135 -1.56 -20.47 -2.21
N TYR A 136 -2.38 -21.51 -2.42
CA TYR A 136 -1.88 -22.75 -2.95
C TYR A 136 -2.88 -23.27 -3.98
N GLU A 137 -2.40 -23.96 -5.01
CA GLU A 137 -3.29 -24.60 -5.98
C GLU A 137 -2.53 -25.78 -6.47
N SER A 138 -3.16 -26.93 -6.40
CA SER A 138 -2.54 -28.13 -6.90
C SER A 138 -3.63 -29.16 -6.99
N ASP A 139 -3.62 -29.89 -8.11
CA ASP A 139 -4.56 -30.99 -8.37
C ASP A 139 -5.99 -30.66 -7.87
N GLY A 140 -6.64 -29.71 -8.54
CA GLY A 140 -8.01 -29.34 -8.21
C GLY A 140 -8.20 -28.47 -6.98
N GLU A 141 -7.25 -28.56 -6.04
CA GLU A 141 -7.44 -28.00 -4.71
C GLU A 141 -6.86 -26.58 -4.55
N ARG A 142 -7.73 -25.64 -4.18
CA ARG A 142 -7.38 -24.25 -3.94
C ARG A 142 -7.40 -23.87 -2.44
N ILE A 143 -6.29 -23.36 -1.92
CA ILE A 143 -6.28 -22.95 -0.52
C ILE A 143 -5.72 -21.56 -0.41
N GLY A 144 -6.33 -20.72 0.41
CA GLY A 144 -5.72 -19.45 0.73
C GLY A 144 -6.00 -18.42 -0.37
N ASP A 145 -5.06 -17.50 -0.54
CA ASP A 145 -5.29 -16.34 -1.39
C ASP A 145 -4.66 -16.61 -2.76
N PRO A 146 -5.50 -16.84 -3.81
CA PRO A 146 -4.89 -17.12 -5.11
C PRO A 146 -3.89 -16.05 -5.59
N ALA A 147 -4.04 -14.81 -5.18
CA ALA A 147 -3.16 -13.76 -5.64
C ALA A 147 -1.76 -13.98 -5.08
N SER A 148 -1.64 -14.83 -4.05
CA SER A 148 -0.30 -15.12 -3.49
C SER A 148 0.38 -16.40 -3.98
N CYS A 149 -0.22 -17.09 -4.96
CA CYS A 149 0.32 -18.37 -5.37
C CYS A 149 1.76 -18.30 -5.84
N SER A 150 2.14 -17.29 -6.63
CA SER A 150 3.49 -17.34 -7.18
C SER A 150 4.53 -17.01 -6.09
N LEU A 151 4.23 -16.03 -5.22
CA LEU A 151 5.19 -15.71 -4.14
C LEU A 151 5.25 -16.89 -3.15
N THR A 152 4.09 -17.46 -2.82
CA THR A 152 4.07 -18.68 -1.98
C THR A 152 4.95 -19.79 -2.51
N ALA A 153 4.85 -20.11 -3.80
CA ALA A 153 5.66 -21.17 -4.38
C ALA A 153 7.13 -20.81 -4.31
N ALA A 154 7.44 -19.53 -4.50
CA ALA A 154 8.84 -19.08 -4.44
C ALA A 154 9.35 -19.24 -3.03
N CYS A 155 8.55 -18.86 -2.03
CA CYS A 155 8.97 -19.06 -0.62
C CYS A 155 9.22 -20.52 -0.32
N GLU A 156 8.35 -21.40 -0.82
CA GLU A 156 8.53 -22.81 -0.48
C GLU A 156 9.76 -23.41 -1.17
N GLU A 157 10.21 -22.76 -2.24
CA GLU A 157 11.43 -23.17 -2.91
C GLU A 157 12.60 -22.92 -2.01
N LEU A 158 12.48 -21.87 -1.20
CA LEU A 158 13.56 -21.43 -0.28
C LEU A 158 13.47 -22.05 1.12
N GLY A 159 12.66 -23.11 1.25
CA GLY A 159 12.56 -23.88 2.48
C GLY A 159 11.52 -23.43 3.52
N TRP A 160 10.74 -22.40 3.22
CA TRP A 160 9.59 -22.10 4.06
C TRP A 160 8.52 -23.17 3.73
N ARG A 161 7.69 -23.49 4.72
CA ARG A 161 6.57 -24.42 4.50
C ARG A 161 5.35 -23.82 5.18
N GLY A 162 4.26 -23.65 4.43
CA GLY A 162 3.05 -23.13 5.02
C GLY A 162 2.20 -24.25 5.62
N GLU A 163 1.39 -23.91 6.63
CA GLU A 163 0.48 -24.89 7.23
C GLU A 163 -0.72 -25.25 6.34
N ARG A 164 -0.91 -24.47 5.29
CA ARG A 164 -2.02 -24.68 4.34
C ARG A 164 -3.40 -24.51 4.96
N THR A 165 -3.51 -23.51 5.83
CA THR A 165 -4.81 -22.95 6.18
C THR A 165 -5.13 -21.95 5.09
N ASP A 166 -6.33 -21.34 5.17
CA ASP A 166 -6.67 -20.36 4.18
C ASP A 166 -6.07 -19.01 4.54
N PHE A 167 -5.39 -18.93 5.68
CA PHE A 167 -4.90 -17.65 6.18
C PHE A 167 -3.50 -17.83 6.74
N ASP A 168 -2.61 -18.53 6.02
CA ASP A 168 -1.20 -18.63 6.51
C ASP A 168 -0.52 -17.29 6.30
N LEU A 169 0.23 -16.77 7.28
CA LEU A 169 0.95 -15.50 7.00
C LEU A 169 2.25 -15.81 6.24
N LEU A 170 2.46 -15.14 5.11
CA LEU A 170 3.71 -15.29 4.40
C LEU A 170 4.82 -14.68 5.26
N PRO A 171 6.01 -15.21 5.12
CA PRO A 171 7.17 -14.68 5.85
C PRO A 171 7.61 -13.40 5.13
N LEU A 172 8.35 -12.54 5.82
CA LEU A 172 9.00 -11.43 5.11
C LEU A 172 10.05 -12.12 4.27
N ILE A 173 10.24 -11.62 3.06
CA ILE A 173 11.22 -12.21 2.16
C ILE A 173 11.82 -11.04 1.36
N PHE A 174 13.14 -10.93 1.42
CA PHE A 174 13.85 -9.85 0.74
C PHE A 174 15.27 -10.30 0.45
N ARG A 175 15.89 -9.60 -0.48
CA ARG A 175 17.25 -9.92 -0.87
C ARG A 175 18.17 -8.71 -0.72
N MET A 176 19.38 -8.93 -0.26
CA MET A 176 20.38 -7.88 -0.05
C MET A 176 21.32 -7.86 -1.23
N LYS A 177 21.80 -6.67 -1.60
CA LYS A 177 22.79 -6.56 -2.67
C LYS A 177 23.94 -7.51 -2.42
N GLY A 178 24.30 -8.30 -3.42
CA GLY A 178 25.43 -9.17 -3.28
C GLY A 178 25.09 -10.61 -2.97
N ASP A 179 23.89 -10.84 -2.45
CA ASP A 179 23.39 -12.17 -2.18
C ASP A 179 22.69 -12.71 -3.42
N GLU A 180 22.96 -13.97 -3.77
CA GLU A 180 22.24 -14.61 -4.88
C GLU A 180 20.80 -14.88 -4.53
N GLN A 181 20.52 -15.13 -3.26
CA GLN A 181 19.18 -15.51 -2.84
C GLN A 181 18.58 -14.61 -1.77
N PRO A 182 17.25 -14.45 -1.80
CA PRO A 182 16.65 -13.69 -0.69
C PRO A 182 16.71 -14.52 0.61
N VAL A 183 16.45 -13.91 1.76
CA VAL A 183 16.31 -14.63 3.02
C VAL A 183 14.83 -14.45 3.39
N TRP A 184 14.30 -15.34 4.22
CA TRP A 184 12.98 -15.12 4.76
C TRP A 184 12.95 -15.23 6.30
N TYR A 185 11.97 -14.55 6.90
CA TYR A 185 11.77 -14.53 8.33
C TYR A 185 10.28 -14.61 8.62
N GLU A 186 9.89 -15.58 9.44
CA GLU A 186 8.49 -15.72 9.85
C GLU A 186 8.07 -14.45 10.61
N LEU A 187 6.85 -13.94 10.41
CA LEU A 187 6.38 -12.81 11.21
C LEU A 187 6.06 -13.24 12.63
N PRO A 188 6.56 -12.51 13.64
CA PRO A 188 6.06 -12.75 15.01
C PRO A 188 4.56 -12.47 15.12
N ARG A 189 3.81 -13.46 15.59
CA ARG A 189 2.34 -13.27 15.59
C ARG A 189 1.90 -12.15 16.56
N SER A 190 2.69 -11.85 17.58
CA SER A 190 2.40 -10.68 18.43
C SER A 190 2.35 -9.34 17.67
N LEU A 191 2.91 -9.29 16.47
CA LEU A 191 3.00 -8.02 15.75
C LEU A 191 1.80 -7.82 14.81
N VAL A 192 1.09 -8.90 14.49
CA VAL A 192 0.13 -8.86 13.41
C VAL A 192 -1.28 -8.88 13.97
N ILE A 193 -2.01 -7.78 13.83
CA ILE A 193 -3.38 -7.77 14.28
C ILE A 193 -4.25 -8.36 13.17
N GLU A 194 -5.17 -9.26 13.52
CA GLU A 194 -6.15 -9.74 12.57
C GLU A 194 -7.54 -9.49 13.14
N VAL A 195 -8.52 -9.40 12.27
CA VAL A 195 -9.86 -9.08 12.70
C VAL A 195 -10.80 -10.19 12.22
N PRO A 196 -11.46 -10.89 13.16
CA PRO A 196 -12.44 -11.89 12.71
C PRO A 196 -13.66 -11.18 12.12
N ILE A 197 -14.29 -11.71 11.07
CA ILE A 197 -15.39 -10.96 10.46
C ILE A 197 -16.72 -11.50 11.01
N THR A 198 -17.48 -10.63 11.65
CA THR A 198 -18.78 -10.95 12.19
C THR A 198 -19.77 -9.88 11.68
N HIS A 199 -21.06 -10.12 11.85
CA HIS A 199 -22.06 -9.20 11.29
C HIS A 199 -22.84 -8.60 12.44
N PRO A 200 -23.24 -7.31 12.30
CA PRO A 200 -23.84 -6.66 13.47
C PRO A 200 -25.15 -7.29 13.90
N ASP A 201 -25.87 -7.94 12.98
CA ASP A 201 -27.14 -8.53 13.37
C ASP A 201 -27.39 -9.99 12.93
N ILE A 202 -26.57 -10.51 12.03
CA ILE A 202 -26.74 -11.90 11.57
C ILE A 202 -25.72 -12.80 12.24
N GLU A 203 -26.19 -13.57 13.21
CA GLU A 203 -25.26 -14.29 14.07
C GLU A 203 -24.53 -15.41 13.33
N ALA A 204 -25.19 -15.95 12.30
CA ALA A 204 -24.64 -17.05 11.54
C ALA A 204 -23.42 -16.61 10.73
N PHE A 205 -23.16 -15.31 10.68
CA PHE A 205 -22.13 -14.85 9.76
C PHE A 205 -20.76 -15.40 10.19
N SER A 206 -20.58 -15.61 11.50
CA SER A 206 -19.29 -16.08 12.00
C SER A 206 -19.00 -17.52 11.59
N ASP A 207 -20.04 -18.23 11.10
CA ASP A 207 -19.87 -19.61 10.60
C ASP A 207 -18.95 -19.63 9.39
N LEU A 208 -18.83 -18.50 8.69
CA LEU A 208 -17.94 -18.41 7.53
C LEU A 208 -16.49 -18.45 7.94
N GLU A 209 -16.22 -18.17 9.22
CA GLU A 209 -14.85 -18.15 9.75
C GLU A 209 -13.91 -17.30 8.90
N LEU A 210 -14.40 -16.12 8.49
CA LEU A 210 -13.60 -15.15 7.71
C LEU A 210 -12.80 -14.27 8.68
N LYS A 211 -11.61 -13.85 8.25
CA LYS A 211 -10.85 -12.86 9.01
C LYS A 211 -10.01 -12.11 8.00
N TRP A 212 -9.41 -10.98 8.40
CA TRP A 212 -8.48 -10.33 7.50
C TRP A 212 -7.48 -9.62 8.41
N TYR A 213 -6.38 -9.16 7.85
CA TYR A 213 -5.35 -8.56 8.71
C TYR A 213 -5.62 -7.06 8.80
N GLY A 214 -5.04 -6.42 9.81
CA GLY A 214 -5.46 -5.07 10.13
C GLY A 214 -4.89 -4.01 9.21
N VAL A 215 -3.69 -4.21 8.71
CA VAL A 215 -2.95 -3.09 8.15
C VAL A 215 -2.38 -3.43 6.78
N PRO A 216 -2.80 -2.73 5.72
CA PRO A 216 -2.27 -3.05 4.39
C PRO A 216 -0.95 -2.29 4.22
N ILE A 217 0.16 -3.02 4.11
CA ILE A 217 1.45 -2.35 4.06
C ILE A 217 2.13 -2.69 2.76
N ILE A 218 1.95 -1.84 1.78
CA ILE A 218 2.34 -2.14 0.38
C ILE A 218 3.85 -2.00 0.23
N SER A 219 4.51 -3.07 -0.22
CA SER A 219 5.94 -3.08 -0.04
C SER A 219 6.68 -3.37 -1.32
N ASP A 220 6.00 -3.34 -2.46
CA ASP A 220 6.67 -3.62 -3.72
C ASP A 220 6.65 -2.45 -4.72
N MET A 221 6.32 -1.22 -4.27
CA MET A 221 6.42 -0.06 -5.15
C MET A 221 7.69 0.75 -4.97
N LYS A 222 8.05 1.51 -5.99
CA LYS A 222 9.23 2.35 -5.96
C LYS A 222 8.82 3.79 -5.64
N LEU A 223 9.50 4.43 -4.70
CA LEU A 223 9.29 5.86 -4.44
C LEU A 223 10.33 6.58 -5.27
N GLU A 224 9.88 7.46 -6.15
CA GLU A 224 10.84 8.27 -6.88
C GLU A 224 10.72 9.73 -6.43
N VAL A 225 11.84 10.31 -6.00
CA VAL A 225 11.88 11.69 -5.50
C VAL A 225 13.12 12.39 -6.03
N GLY A 226 12.94 13.45 -6.79
CA GLY A 226 14.05 14.21 -7.35
C GLY A 226 15.08 13.36 -8.08
N GLY A 227 14.62 12.34 -8.79
CA GLY A 227 15.53 11.51 -9.57
C GLY A 227 16.22 10.39 -8.79
N ILE A 228 15.95 10.31 -7.50
CA ILE A 228 16.49 9.23 -6.67
C ILE A 228 15.43 8.13 -6.58
N HIS A 229 15.85 6.90 -6.75
CA HIS A 229 14.90 5.79 -6.86
C HIS A 229 14.93 4.93 -5.62
N TYR A 230 13.95 5.12 -4.75
CA TYR A 230 13.84 4.30 -3.54
C TYR A 230 12.96 3.09 -3.86
N ASN A 231 13.58 2.00 -4.29
CA ASN A 231 12.81 0.86 -4.74
C ASN A 231 12.27 0.09 -3.54
N ALA A 232 12.89 0.29 -2.38
CA ALA A 232 12.39 -0.35 -1.17
C ALA A 232 11.94 0.73 -0.19
N ALA A 233 10.63 0.85 -0.07
CA ALA A 233 10.08 1.95 0.73
C ALA A 233 8.65 1.60 1.07
N PRO A 234 8.46 0.60 1.94
CA PRO A 234 7.08 0.19 2.19
C PRO A 234 6.27 1.23 2.95
N PHE A 235 4.97 1.27 2.63
CA PHE A 235 4.11 2.25 3.27
C PHE A 235 2.75 1.67 3.55
N ASN A 236 1.99 2.34 4.44
CA ASN A 236 0.66 1.85 4.70
C ASN A 236 -0.25 3.03 4.98
N GLY A 237 -1.52 2.78 4.77
CA GLY A 237 -2.57 3.62 5.34
C GLY A 237 -3.39 2.70 6.20
N TRP A 238 -4.66 3.05 6.36
CA TRP A 238 -5.66 2.12 6.88
C TRP A 238 -6.53 1.68 5.70
N TYR A 239 -7.26 0.57 5.89
CA TYR A 239 -8.09 0.04 4.82
C TYR A 239 -9.33 0.89 4.61
N MET A 240 -9.77 0.94 3.36
CA MET A 240 -11.16 1.30 3.04
C MET A 240 -11.91 -0.05 2.94
N GLY A 241 -13.09 -0.15 3.57
CA GLY A 241 -13.73 -1.45 3.81
C GLY A 241 -14.00 -2.22 2.50
N THR A 242 -14.30 -1.49 1.43
CA THR A 242 -14.54 -2.21 0.13
C THR A 242 -13.30 -2.96 -0.42
N GLU A 243 -12.09 -2.59 0.02
CA GLU A 243 -10.92 -3.36 -0.48
C GLU A 243 -11.01 -4.76 0.05
N ILE A 244 -11.52 -4.91 1.26
CA ILE A 244 -11.60 -6.20 1.87
C ILE A 244 -12.88 -6.88 1.44
N GLY A 245 -14.00 -6.19 1.56
CA GLY A 245 -15.30 -6.82 1.41
C GLY A 245 -15.79 -6.94 -0.03
N ALA A 246 -15.35 -6.05 -0.92
CA ALA A 246 -15.83 -6.11 -2.30
C ALA A 246 -14.82 -6.74 -3.24
N ARG A 247 -13.58 -6.94 -2.75
CA ARG A 247 -12.50 -7.39 -3.62
C ARG A 247 -11.72 -8.59 -3.03
N ASN A 248 -11.02 -8.38 -1.92
CA ASN A 248 -10.22 -9.53 -1.40
C ASN A 248 -11.08 -10.71 -1.05
N LEU A 249 -12.21 -10.46 -0.39
CA LEU A 249 -13.07 -11.60 -0.01
C LEU A 249 -14.14 -11.99 -1.08
N ALA A 250 -14.42 -11.09 -2.03
CA ALA A 250 -15.49 -11.29 -3.02
C ALA A 250 -15.07 -11.70 -4.41
N ASP A 251 -13.92 -11.24 -4.88
CA ASP A 251 -13.53 -11.53 -6.27
C ASP A 251 -13.48 -13.04 -6.54
N GLU A 252 -13.91 -13.45 -7.73
CA GLU A 252 -13.84 -14.89 -8.04
C GLU A 252 -12.42 -15.40 -8.06
N LYS A 253 -11.46 -14.54 -8.40
CA LYS A 253 -10.06 -14.95 -8.45
C LYS A 253 -9.36 -14.66 -7.08
N ARG A 254 -10.12 -14.27 -6.06
CA ARG A 254 -9.57 -14.13 -4.71
C ARG A 254 -10.25 -15.14 -3.79
N TYR A 255 -10.75 -14.71 -2.64
CA TYR A 255 -11.42 -15.71 -1.78
C TYR A 255 -12.81 -16.17 -2.24
N ASP A 256 -13.45 -15.42 -3.15
CA ASP A 256 -14.66 -15.91 -3.82
C ASP A 256 -15.77 -16.32 -2.84
N LYS A 257 -16.06 -15.45 -1.86
CA LYS A 257 -17.03 -15.82 -0.83
C LYS A 257 -18.51 -15.45 -1.03
N LEU A 258 -18.91 -14.88 -2.19
CA LEU A 258 -20.30 -14.40 -2.22
C LEU A 258 -21.39 -15.46 -2.10
N LYS A 259 -21.21 -16.62 -2.74
CA LYS A 259 -22.21 -17.68 -2.65
C LYS A 259 -22.36 -18.12 -1.20
N LYS A 260 -21.23 -18.26 -0.48
CA LYS A 260 -21.26 -18.57 0.93
C LYS A 260 -21.90 -17.48 1.78
N VAL A 261 -21.64 -16.22 1.47
CA VAL A 261 -22.31 -15.14 2.17
C VAL A 261 -23.81 -15.20 1.93
N ALA A 262 -24.21 -15.39 0.69
CA ALA A 262 -25.63 -15.46 0.37
C ALA A 262 -26.34 -16.54 1.21
N SER A 263 -25.72 -17.71 1.34
CA SER A 263 -26.32 -18.79 2.09
C SER A 263 -26.50 -18.43 3.57
N VAL A 264 -25.48 -17.86 4.20
CA VAL A 264 -25.62 -17.51 5.64
C VAL A 264 -26.53 -16.33 5.94
N ILE A 265 -26.77 -15.47 4.95
CA ILE A 265 -27.70 -14.37 5.22
C ILE A 265 -29.10 -14.78 4.82
N GLY A 266 -29.24 -16.01 4.35
CA GLY A 266 -30.57 -16.57 4.17
C GLY A 266 -31.24 -16.21 2.87
N ILE A 267 -30.48 -15.86 1.83
CA ILE A 267 -31.13 -15.59 0.52
C ILE A 267 -30.67 -16.60 -0.51
N ALA A 268 -31.50 -16.82 -1.52
CA ALA A 268 -31.17 -17.78 -2.59
C ALA A 268 -30.11 -17.17 -3.50
N ALA A 269 -29.25 -18.02 -4.11
CA ALA A 269 -28.21 -17.52 -5.03
C ALA A 269 -28.41 -18.14 -6.41
N ASP A 270 -29.66 -18.07 -6.89
CA ASP A 270 -30.14 -18.84 -8.03
C ASP A 270 -30.43 -17.96 -9.26
N TYR A 271 -30.83 -16.70 -9.03
CA TYR A 271 -31.35 -15.91 -10.17
C TYR A 271 -30.68 -14.54 -10.25
N ASN A 272 -30.23 -14.12 -11.43
CA ASN A 272 -29.52 -12.82 -11.47
C ASN A 272 -30.49 -11.70 -11.07
N THR A 273 -31.75 -11.82 -11.47
CA THR A 273 -32.70 -10.72 -11.19
C THR A 273 -33.02 -10.53 -9.72
N ASP A 274 -32.63 -11.48 -8.87
CA ASP A 274 -32.76 -11.27 -7.44
C ASP A 274 -31.67 -10.37 -6.87
N LEU A 275 -30.63 -10.09 -7.68
CA LEU A 275 -29.48 -9.30 -7.24
C LEU A 275 -28.85 -9.84 -5.96
N TRP A 276 -28.73 -11.16 -5.90
CA TRP A 276 -28.20 -11.73 -4.68
C TRP A 276 -26.73 -11.42 -4.51
N LYS A 277 -26.01 -11.23 -5.62
CA LYS A 277 -24.60 -10.94 -5.41
C LYS A 277 -24.47 -9.55 -4.78
N ASP A 278 -25.30 -8.64 -5.27
CA ASP A 278 -25.27 -7.26 -4.74
C ASP A 278 -25.64 -7.19 -3.27
N GLN A 279 -26.69 -7.90 -2.91
CA GLN A 279 -27.14 -7.94 -1.54
C GLN A 279 -26.07 -8.58 -0.67
N ALA A 280 -25.48 -9.70 -1.13
CA ALA A 280 -24.38 -10.33 -0.36
C ALA A 280 -23.17 -9.39 -0.20
N LEU A 281 -22.82 -8.68 -1.28
CA LEU A 281 -21.75 -7.68 -1.20
C LEU A 281 -22.00 -6.61 -0.13
N VAL A 282 -23.23 -6.13 -0.04
CA VAL A 282 -23.55 -5.07 0.93
C VAL A 282 -23.43 -5.65 2.35
N GLU A 283 -23.96 -6.84 2.59
CA GLU A 283 -23.89 -7.42 3.93
C GLU A 283 -22.45 -7.77 4.30
N LEU A 284 -21.69 -8.35 3.36
CA LEU A 284 -20.24 -8.57 3.62
C LEU A 284 -19.47 -7.30 3.97
N ASN A 285 -19.77 -6.23 3.25
CA ASN A 285 -19.08 -4.96 3.49
C ASN A 285 -19.53 -4.29 4.77
N LYS A 286 -20.81 -4.45 5.15
CA LYS A 286 -21.24 -4.00 6.46
C LYS A 286 -20.48 -4.76 7.54
N ALA A 287 -20.31 -6.07 7.33
CA ALA A 287 -19.69 -6.91 8.37
C ALA A 287 -18.27 -6.49 8.53
N VAL A 288 -17.60 -6.22 7.43
CA VAL A 288 -16.18 -5.83 7.53
C VAL A 288 -15.99 -4.54 8.34
N LEU A 289 -16.82 -3.55 8.05
CA LEU A 289 -16.72 -2.29 8.84
C LEU A 289 -17.03 -2.47 10.31
N HIS A 290 -18.07 -3.23 10.57
CA HIS A 290 -18.50 -3.47 11.92
C HIS A 290 -17.38 -4.14 12.69
N SER A 291 -16.77 -5.15 12.04
CA SER A 291 -15.78 -5.97 12.75
C SER A 291 -14.51 -5.19 13.08
N TYR A 292 -14.07 -4.35 12.14
CA TYR A 292 -12.88 -3.54 12.40
C TYR A 292 -13.17 -2.52 13.50
N LYS A 293 -14.34 -1.88 13.44
CA LYS A 293 -14.71 -0.87 14.43
C LYS A 293 -14.80 -1.51 15.81
N LYS A 294 -15.37 -2.70 15.88
CA LYS A 294 -15.60 -3.37 17.16
C LYS A 294 -14.28 -3.76 17.80
N GLN A 295 -13.30 -4.08 16.98
CA GLN A 295 -12.00 -4.47 17.47
C GLN A 295 -11.08 -3.28 17.74
N GLY A 296 -11.52 -2.08 17.38
CA GLY A 296 -10.67 -0.92 17.60
C GLY A 296 -9.53 -0.81 16.62
N VAL A 297 -9.74 -1.30 15.40
CA VAL A 297 -8.76 -1.14 14.31
C VAL A 297 -9.30 -0.14 13.28
N SER A 298 -8.47 0.85 12.94
CA SER A 298 -8.89 1.89 11.96
C SER A 298 -9.33 1.31 10.63
N ILE A 299 -10.42 1.91 10.07
CA ILE A 299 -10.91 1.57 8.78
C ILE A 299 -11.81 2.76 8.35
N VAL A 300 -12.02 2.93 7.03
CA VAL A 300 -12.90 4.00 6.58
C VAL A 300 -13.87 3.36 5.59
N ASP A 301 -15.09 3.84 5.59
CA ASP A 301 -16.05 3.35 4.61
C ASP A 301 -15.97 4.23 3.36
N HIS A 302 -16.49 3.73 2.23
CA HIS A 302 -16.24 4.42 0.99
C HIS A 302 -16.96 5.76 0.89
N HIS A 303 -18.10 5.92 1.56
CA HIS A 303 -18.76 7.23 1.53
C HIS A 303 -17.94 8.29 2.25
N THR A 304 -17.41 7.91 3.45
CA THR A 304 -16.64 8.88 4.25
C THR A 304 -15.35 9.16 3.50
N ALA A 305 -14.74 8.13 2.95
CA ALA A 305 -13.51 8.33 2.15
C ALA A 305 -13.72 9.28 0.98
N ALA A 306 -14.82 9.10 0.22
CA ALA A 306 -15.06 10.03 -0.87
C ALA A 306 -15.31 11.45 -0.38
N SER A 307 -15.96 11.60 0.77
CA SER A 307 -16.17 12.93 1.39
C SER A 307 -14.85 13.56 1.78
N GLN A 308 -13.93 12.76 2.31
CA GLN A 308 -12.59 13.25 2.52
C GLN A 308 -11.91 13.63 1.22
N PHE A 309 -12.08 12.80 0.17
CA PHE A 309 -11.44 13.13 -1.11
C PHE A 309 -11.96 14.44 -1.71
N LYS A 310 -13.25 14.74 -1.49
CA LYS A 310 -13.83 16.01 -1.92
C LYS A 310 -13.08 17.15 -1.25
N ARG A 311 -12.71 16.99 0.02
CA ARG A 311 -12.01 18.07 0.73
C ARG A 311 -10.57 18.18 0.23
N PHE A 312 -9.97 17.05 -0.18
CA PHE A 312 -8.67 17.09 -0.86
C PHE A 312 -8.74 17.89 -2.17
N GLU A 313 -9.74 17.60 -3.00
CA GLU A 313 -9.92 18.38 -4.25
C GLU A 313 -10.03 19.89 -3.93
N GLU A 314 -10.77 20.21 -2.87
CA GLU A 314 -10.98 21.62 -2.51
C GLU A 314 -9.71 22.25 -1.98
N GLN A 315 -8.96 21.49 -1.18
CA GLN A 315 -7.68 21.97 -0.69
C GLN A 315 -6.68 22.19 -1.81
N ALA A 316 -6.67 21.29 -2.80
CA ALA A 316 -5.80 21.46 -3.97
C ALA A 316 -6.13 22.77 -4.67
N GLU A 317 -7.41 23.01 -4.91
CA GLU A 317 -7.78 24.22 -5.60
C GLU A 317 -7.36 25.45 -4.83
N GLU A 318 -7.50 25.39 -3.51
CA GLU A 318 -7.20 26.53 -2.62
C GLU A 318 -5.71 26.84 -2.53
N ALA A 319 -4.91 25.79 -2.66
CA ALA A 319 -3.45 25.90 -2.67
C ALA A 319 -2.94 26.28 -4.08
N GLY A 320 -3.84 26.37 -5.05
CA GLY A 320 -3.46 26.61 -6.44
C GLY A 320 -2.68 25.45 -7.07
N ARG A 321 -2.84 24.24 -6.53
CA ARG A 321 -2.24 23.04 -7.11
C ARG A 321 -3.23 22.34 -8.04
N LYS A 322 -2.73 21.93 -9.19
CA LYS A 322 -3.49 21.14 -10.13
C LYS A 322 -3.81 19.79 -9.48
N LEU A 323 -5.03 19.31 -9.63
CA LEU A 323 -5.39 18.02 -9.10
C LEU A 323 -5.27 16.95 -10.20
N THR A 324 -4.69 15.82 -9.88
CA THR A 324 -4.65 14.70 -10.82
C THR A 324 -5.31 13.47 -10.20
N GLY A 325 -5.94 12.64 -11.04
CA GLY A 325 -6.67 11.51 -10.50
C GLY A 325 -6.98 10.48 -11.57
N ASP A 326 -7.13 9.23 -11.13
CA ASP A 326 -7.50 8.16 -12.08
C ASP A 326 -8.91 7.68 -11.74
N TRP A 327 -9.90 8.16 -12.50
CA TRP A 327 -11.30 7.88 -12.18
C TRP A 327 -11.59 6.40 -12.00
N THR A 328 -10.98 5.58 -12.86
CA THR A 328 -11.22 4.12 -12.75
C THR A 328 -10.74 3.45 -11.46
N TRP A 329 -9.78 4.06 -10.75
CA TRP A 329 -9.37 3.54 -9.46
C TRP A 329 -10.02 4.31 -8.30
N LEU A 330 -10.43 5.57 -8.54
CA LEU A 330 -10.98 6.39 -7.45
C LEU A 330 -12.42 5.99 -7.12
N ILE A 331 -13.22 5.63 -8.13
CA ILE A 331 -14.56 5.15 -7.79
C ILE A 331 -14.51 3.86 -6.96
N PRO A 332 -15.35 3.79 -5.92
CA PRO A 332 -15.42 2.54 -5.15
C PRO A 332 -16.13 1.45 -5.91
N PRO A 333 -15.81 0.17 -5.62
CA PRO A 333 -16.41 -0.96 -6.32
C PRO A 333 -17.81 -1.26 -5.82
N ILE A 334 -18.29 -0.55 -4.79
CA ILE A 334 -19.71 -0.68 -4.57
C ILE A 334 -20.39 0.70 -4.49
N SER A 335 -21.61 0.79 -5.02
CA SER A 335 -22.32 2.09 -5.11
C SER A 335 -21.50 3.26 -5.63
N PRO A 336 -20.70 3.07 -6.69
CA PRO A 336 -19.86 4.20 -7.13
C PRO A 336 -20.68 5.46 -7.47
N ALA A 337 -21.88 5.31 -8.02
CA ALA A 337 -22.61 6.51 -8.40
C ALA A 337 -23.19 7.27 -7.19
N ALA A 338 -23.11 6.69 -6.01
CA ALA A 338 -23.52 7.44 -4.81
C ALA A 338 -22.41 8.34 -4.27
N THR A 339 -21.26 8.38 -4.96
CA THR A 339 -20.15 9.26 -4.54
C THR A 339 -20.00 10.36 -5.55
N HIS A 340 -19.49 11.53 -5.13
CA HIS A 340 -19.28 12.62 -6.07
C HIS A 340 -18.24 12.28 -7.14
N ILE A 341 -17.32 11.36 -6.81
CA ILE A 341 -16.22 10.99 -7.70
C ILE A 341 -16.79 10.53 -9.06
N PHE A 342 -17.80 9.68 -8.98
CA PHE A 342 -18.39 9.10 -10.21
C PHE A 342 -18.85 10.18 -11.17
N HIS A 343 -19.32 11.31 -10.63
CA HIS A 343 -19.99 12.30 -11.48
C HIS A 343 -19.05 13.41 -11.97
N ARG A 344 -17.74 13.27 -11.74
CA ARG A 344 -16.80 14.20 -12.38
C ARG A 344 -15.67 13.47 -13.11
N SER A 345 -14.88 14.22 -13.86
CA SER A 345 -13.73 13.63 -14.49
C SER A 345 -12.45 14.13 -13.81
N TYR A 346 -11.36 13.42 -14.06
CA TYR A 346 -10.07 13.72 -13.45
C TYR A 346 -8.98 13.60 -14.50
N ASP A 347 -8.01 14.50 -14.43
CA ASP A 347 -6.82 14.49 -15.27
C ASP A 347 -5.80 13.45 -14.78
N ASN A 348 -5.53 12.43 -15.61
CA ASN A 348 -4.69 11.31 -15.17
C ASN A 348 -3.20 11.59 -15.42
N SER A 349 -2.77 12.84 -15.49
CA SER A 349 -1.37 13.12 -15.72
C SER A 349 -0.52 12.61 -14.57
N ILE A 350 0.68 12.16 -14.89
CA ILE A 350 1.60 11.70 -13.84
C ILE A 350 2.53 12.86 -13.42
N VAL A 351 2.48 13.23 -12.12
CA VAL A 351 3.36 14.25 -11.54
C VAL A 351 4.31 13.56 -10.56
N LYS A 352 5.59 13.97 -10.53
CA LYS A 352 6.58 13.42 -9.60
C LYS A 352 6.85 14.46 -8.52
N PRO A 353 7.23 14.04 -7.29
CA PRO A 353 7.45 12.67 -6.76
C PRO A 353 6.22 11.78 -6.84
N ASN A 354 6.44 10.48 -6.92
CA ASN A 354 5.33 9.55 -7.01
C ASN A 354 5.80 8.16 -6.69
N TYR A 355 4.83 7.25 -6.50
CA TYR A 355 5.06 5.81 -6.31
C TYR A 355 4.76 5.09 -7.62
N PHE A 356 5.59 4.10 -7.94
CA PHE A 356 5.58 3.43 -9.26
C PHE A 356 5.66 1.91 -9.10
N TYR A 357 4.96 1.20 -9.97
CA TYR A 357 5.18 -0.24 -10.12
C TYR A 357 6.63 -0.53 -10.49
N GLN A 358 7.12 -1.68 -10.08
CA GLN A 358 8.41 -2.18 -10.58
C GLN A 358 8.31 -3.69 -10.84
N ASP A 359 9.17 -4.22 -11.70
CA ASP A 359 9.16 -5.65 -12.01
C ASP A 359 9.38 -6.52 -10.76
N LYS A 360 8.61 -7.60 -10.67
CA LYS A 360 8.77 -8.57 -9.60
C LYS A 360 10.05 -9.40 -9.87
N PRO A 361 10.74 -9.79 -8.79
CA PRO A 361 11.98 -10.55 -8.99
C PRO A 361 11.77 -12.06 -9.09
N TYR A 362 10.54 -12.52 -8.92
CA TYR A 362 10.20 -13.92 -9.14
C TYR A 362 9.12 -13.95 -10.23
N GLU A 363 8.92 -15.10 -10.87
CA GLU A 363 8.00 -15.23 -12.03
C GLU A 363 8.46 -14.43 -13.28
CHA HEM B . -4.44 3.30 -3.98
CHB HEM B . -7.08 4.17 0.04
CHC HEM B . -3.09 5.80 2.33
CHD HEM B . -0.54 5.41 -1.85
C1A HEM B . -5.40 3.26 -2.99
C2A HEM B . -6.62 2.50 -3.13
C3A HEM B . -7.40 2.80 -2.06
C4A HEM B . -6.62 3.63 -1.17
CMA HEM B . -8.78 2.24 -1.74
CAA HEM B . -7.06 1.64 -4.34
CBA HEM B . -6.51 0.23 -4.10
CGA HEM B . -6.93 -0.77 -5.16
O1A HEM B . -8.01 -0.59 -5.81
O2A HEM B . -6.20 -1.78 -5.42
C1B HEM B . -6.21 4.70 1.00
C2B HEM B . -6.60 4.94 2.34
C3B HEM B . -5.52 5.40 3.01
C4B HEM B . -4.41 5.47 2.00
CMB HEM B . -7.93 4.71 3.02
CAB HEM B . -5.58 5.72 4.46
CBB HEM B . -4.68 6.60 5.05
C1C HEM B . -2.03 5.73 1.41
C2C HEM B . -0.67 6.02 1.70
C3C HEM B . 0.07 5.96 0.52
C4C HEM B . -0.88 5.56 -0.53
CMC HEM B . -0.14 6.36 3.08
CAC HEM B . 1.51 6.22 0.30
CBC HEM B . 2.28 7.02 1.12
C1D HEM B . -1.48 4.84 -2.75
C2D HEM B . -1.03 4.41 -4.07
C3D HEM B . -2.11 3.80 -4.67
C4D HEM B . -3.19 3.85 -3.68
CMD HEM B . 0.34 4.56 -4.71
CAD HEM B . -2.17 3.18 -6.06
CBD HEM B . -1.42 1.84 -6.14
CGD HEM B . -1.42 1.28 -7.54
O1D HEM B . -1.65 0.08 -7.63
O2D HEM B . -1.21 1.99 -8.57
NA HEM B . -5.43 3.97 -1.78
NB HEM B . -4.89 5.01 0.84
NC HEM B . -2.11 5.48 0.08
ND HEM B . -2.79 4.49 -2.50
FE HEM B . -3.86 5.00 -0.97
CL CL C . -5.35 -5.52 0.17
C29 8VJ D . 0.50 -5.55 -10.31
N28 8VJ D . 0.77 -4.69 -9.14
C30 8VJ D . 2.05 -5.11 -8.52
C27 8VJ D . -0.41 -4.76 -8.26
C26 8VJ D . -2.15 -2.63 -5.68
C25 8VJ D . -1.89 -3.54 -6.70
C24 8VJ D . -0.58 -3.71 -7.15
C23 8VJ D . 0.47 -2.99 -6.56
C22 8VJ D . 0.21 -2.07 -5.53
C21 8VJ D . -1.11 -1.90 -5.10
O12 8VJ D . -1.44 -1.03 -4.10
C11 8VJ D . -2.83 -0.81 -3.89
C10 8VJ D . -3.90 0.71 -0.66
C09 8VJ D . -3.88 -0.08 -1.78
C08 8VJ D . -2.82 0.03 -2.66
C07 8VJ D . -1.75 0.89 -2.40
C06 8VJ D . -1.76 1.66 -1.24
C05 8VJ D . -2.83 1.58 -0.35
C04 8VJ D . -2.86 2.32 0.82
C03 8VJ D . -3.96 2.19 1.67
C02 8VJ D . -5.02 1.33 1.31
N02 8VJ D . -6.13 1.20 2.12
N01 8VJ D . -4.96 0.59 0.18
C29 8VJ E . -5.25 -5.18 -22.16
N28 8VJ E . -5.12 -5.73 -20.79
C30 8VJ E . -4.22 -6.90 -20.85
C27 8VJ E . -4.57 -4.71 -19.88
C26 8VJ E . -7.30 -4.46 -17.15
C25 8VJ E . -6.52 -4.97 -18.20
C24 8VJ E . -5.46 -4.21 -18.73
C23 8VJ E . -5.18 -2.96 -18.18
C22 8VJ E . -5.95 -2.46 -17.12
C21 8VJ E . -7.02 -3.21 -16.61
O12 8VJ E . -7.75 -2.66 -15.57
C11 8VJ E . -9.06 -3.05 -15.16
C10 8VJ E . -8.95 -2.11 -11.46
C09 8VJ E . -8.74 -2.78 -12.67
C08 8VJ E . -9.31 -2.32 -13.86
C07 8VJ E . -10.08 -1.17 -13.83
C06 8VJ E . -10.29 -0.51 -12.62
C05 8VJ E . -9.73 -0.97 -11.43
C04 8VJ E . -9.94 -0.32 -10.22
C03 8VJ E . -9.36 -0.82 -9.04
C02 8VJ E . -8.56 -1.96 -9.11
N02 8VJ E . -7.97 -2.50 -7.99
N01 8VJ E . -8.39 -2.57 -10.30
C1 GOL F . -9.81 5.75 10.51
O1 GOL F . -10.40 4.93 11.54
C2 GOL F . -10.70 6.95 10.38
O2 GOL F . -10.27 7.85 11.47
C3 GOL F . -10.64 7.46 8.93
O3 GOL F . -11.65 8.46 8.61
#